data_8QLN
#
_entry.id   8QLN
#
_cell.length_a   64.960
_cell.length_b   64.960
_cell.length_c   265.670
_cell.angle_alpha   90.000
_cell.angle_beta   90.000
_cell.angle_gamma   90.000
#
_symmetry.space_group_name_H-M   'P 43 21 2'
#
loop_
_entity.id
_entity.type
_entity.pdbx_description
1 polymer 'Inner tegument protein'
2 non-polymer 6-tungstotellurate(VI)
3 water water
#
_entity_poly.entity_id   1
_entity_poly.type   'polypeptide(L)'
_entity_poly.pdbx_seq_one_letter_code
;MSYYHHHHHHHHHHDYDIPTTENLYFQGAMGSTVDFKKLIEQLRARATDKAEALNTVSQLEIGAVDAQDVTASAVRAFVG
ALPSSGYHFGFVRQNVVFYLLSHATVQTARDPLYAAEQLHEQLDRFLRHQHDGGGDEDRLPFYHNGATLTAFQKLLQTLR
EIQTVIAEQSGGTAAAADLIASNNASTSSGGSSGGSSSGGQQPLVRRVITQLETAATEARPYVNCRAVAELLDLTYQRLI
YWACTLMPYVLFRRDTDTELDTVLLMHFFYTHYRSVNGDLAVEFQNYVKNSVRHMSSFVSSDIDGDSSPGAEHMRDVSYK
LFVGNLQARDASGLMFPIISTRISTVNLYLSPERMFFHPGLISRLLSEEVSPRANLDAYARVCDRVLEDHLHTPRRVQRL
LDLTQMVMRLVELGFNHDTCAAYAQMALIQPASQKSSLFVSEIREKLIQIIYNFYTFFMCLYVYSPTFLFDHRRRLILEQ
HRSTLIGSKEELQHVWSNVTLNVNTHFAVQYTEEDFEAHTKGATEAEREYLYRDLHSKWGVHLFTL
;
_entity_poly.pdbx_strand_id   A
#
loop_
_chem_comp.id
_chem_comp.type
_chem_comp.name
_chem_comp.formula
TEW non-polymer 6-tungstotellurate(VI) 'O24 Te W6 -6'
#
# COMPACT_ATOMS: atom_id res chain seq x y z
N SER A 32 -23.26 2.32 8.65
CA SER A 32 -23.22 3.75 8.89
C SER A 32 -23.85 4.52 7.73
N THR A 33 -23.99 3.84 6.59
CA THR A 33 -24.59 4.47 5.43
C THR A 33 -26.08 4.68 5.64
N VAL A 34 -26.58 5.82 5.16
CA VAL A 34 -27.97 6.17 5.40
C VAL A 34 -28.88 5.38 4.47
N ASP A 35 -30.14 5.26 4.88
CA ASP A 35 -31.21 4.86 3.98
C ASP A 35 -31.63 6.11 3.21
N PHE A 36 -31.24 6.19 1.94
CA PHE A 36 -31.43 7.43 1.19
C PHE A 36 -32.90 7.81 1.09
N LYS A 37 -33.76 6.84 0.77
CA LYS A 37 -35.18 7.13 0.61
C LYS A 37 -35.80 7.54 1.95
N LYS A 38 -35.42 6.87 3.04
CA LYS A 38 -35.91 7.28 4.35
C LYS A 38 -35.41 8.68 4.71
N LEU A 39 -34.16 8.99 4.37
CA LEU A 39 -33.62 10.32 4.62
C LEU A 39 -34.39 11.37 3.81
N ILE A 40 -34.80 11.01 2.60
CA ILE A 40 -35.58 11.94 1.77
C ILE A 40 -36.96 12.16 2.36
N GLU A 41 -37.57 11.09 2.89
CA GLU A 41 -38.88 11.23 3.52
C GLU A 41 -38.83 12.13 4.73
N GLN A 42 -37.84 11.91 5.60
CA GLN A 42 -37.67 12.78 6.76
C GLN A 42 -37.33 14.21 6.34
N LEU A 43 -36.66 14.35 5.19
CA LEU A 43 -36.25 15.68 4.74
C LEU A 43 -37.45 16.55 4.38
N ARG A 44 -38.39 16.00 3.60
CA ARG A 44 -39.55 16.79 3.18
C ARG A 44 -40.54 16.98 4.32
N ALA A 45 -40.61 16.04 5.27
CA ALA A 45 -41.46 16.22 6.43
C ALA A 45 -40.94 17.28 7.37
N ARG A 46 -39.64 17.61 7.30
CA ARG A 46 -39.03 18.64 8.13
C ARG A 46 -38.55 19.83 7.31
N ALA A 47 -39.03 19.96 6.06
CA ALA A 47 -38.55 21.02 5.18
C ALA A 47 -38.96 22.40 5.66
N THR A 48 -39.94 22.50 6.56
CA THR A 48 -40.31 23.80 7.11
C THR A 48 -39.20 24.36 7.98
N ASP A 49 -38.66 23.54 8.87
CA ASP A 49 -37.55 23.94 9.74
C ASP A 49 -36.25 23.64 9.00
N LYS A 50 -35.60 24.71 8.50
CA LYS A 50 -34.36 24.53 7.75
C LYS A 50 -33.24 24.00 8.64
N ALA A 51 -33.29 24.28 9.94
CA ALA A 51 -32.25 23.78 10.84
C ALA A 51 -32.34 22.27 11.00
N GLU A 52 -33.54 21.75 11.32
CA GLU A 52 -33.71 20.31 11.44
C GLU A 52 -33.55 19.60 10.10
N ALA A 53 -33.79 20.29 8.99
CA ALA A 53 -33.50 19.72 7.69
C ALA A 53 -32.00 19.67 7.43
N LEU A 54 -31.24 20.58 8.05
CA LEU A 54 -29.79 20.54 7.93
C LEU A 54 -29.21 19.37 8.73
N ASN A 55 -29.77 19.09 9.92
CA ASN A 55 -29.31 17.97 10.70
C ASN A 55 -29.67 16.63 10.04
N THR A 56 -30.79 16.59 9.32
CA THR A 56 -31.18 15.35 8.65
C THR A 56 -30.26 15.05 7.48
N VAL A 57 -29.91 16.06 6.68
CA VAL A 57 -29.01 15.84 5.55
C VAL A 57 -27.56 15.67 6.00
N SER A 58 -27.25 16.00 7.25
CA SER A 58 -25.89 15.80 7.74
C SER A 58 -25.57 14.34 7.98
N GLN A 59 -26.59 13.51 8.23
CA GLN A 59 -26.36 12.07 8.34
C GLN A 59 -25.78 11.51 7.05
N LEU A 60 -26.17 12.08 5.91
CA LEU A 60 -25.58 11.67 4.63
C LEU A 60 -24.15 12.17 4.50
N GLU A 61 -23.88 13.40 4.93
CA GLU A 61 -22.55 13.97 4.78
C GLU A 61 -21.57 13.35 5.78
N ILE A 62 -22.01 13.12 7.01
CA ILE A 62 -21.14 12.49 8.00
C ILE A 62 -20.91 11.03 7.63
N GLY A 63 -21.98 10.27 7.48
CA GLY A 63 -21.88 8.91 6.98
C GLY A 63 -21.67 8.91 5.48
N ALA A 64 -22.53 8.20 4.76
CA ALA A 64 -22.46 8.16 3.30
C ALA A 64 -23.77 7.56 2.79
N VAL A 65 -23.92 7.58 1.47
CA VAL A 65 -25.01 6.89 0.80
C VAL A 65 -24.41 5.85 -0.13
N ASP A 66 -25.01 4.66 -0.16
CA ASP A 66 -24.59 3.65 -1.11
C ASP A 66 -24.87 4.13 -2.53
N ALA A 67 -23.90 3.94 -3.42
CA ALA A 67 -24.06 4.37 -4.81
C ALA A 67 -25.24 3.67 -5.47
N GLN A 68 -25.59 2.46 -5.01
CA GLN A 68 -26.73 1.76 -5.59
C GLN A 68 -28.05 2.45 -5.23
N ASP A 69 -28.09 3.19 -4.12
CA ASP A 69 -29.31 3.89 -3.71
C ASP A 69 -29.52 5.20 -4.44
N VAL A 70 -28.51 5.71 -5.17
CA VAL A 70 -28.62 6.98 -5.88
C VAL A 70 -29.16 6.76 -7.28
N THR A 71 -30.47 6.53 -7.40
CA THR A 71 -31.13 6.37 -8.68
C THR A 71 -31.59 7.72 -9.21
N ALA A 72 -31.96 7.75 -10.50
CA ALA A 72 -32.43 8.99 -11.11
C ALA A 72 -33.69 9.51 -10.41
N SER A 73 -34.60 8.61 -10.06
CA SER A 73 -35.81 9.02 -9.35
C SER A 73 -35.48 9.54 -7.95
N ALA A 74 -34.54 8.90 -7.26
CA ALA A 74 -34.19 9.33 -5.92
C ALA A 74 -33.54 10.71 -5.91
N VAL A 75 -32.79 11.04 -6.97
CA VAL A 75 -32.16 12.36 -7.03
C VAL A 75 -33.21 13.45 -7.20
N ARG A 76 -34.24 13.19 -8.02
CA ARG A 76 -35.28 14.19 -8.25
C ARG A 76 -36.03 14.52 -6.97
N ALA A 77 -36.31 13.52 -6.14
CA ALA A 77 -37.03 13.77 -4.90
C ALA A 77 -36.15 14.39 -3.83
N PHE A 78 -34.86 14.02 -3.80
CA PHE A 78 -33.96 14.62 -2.83
C PHE A 78 -33.84 16.12 -3.04
N VAL A 79 -33.76 16.56 -4.31
CA VAL A 79 -33.72 17.99 -4.60
C VAL A 79 -35.06 18.64 -4.26
N GLY A 80 -36.17 17.97 -4.59
CA GLY A 80 -37.48 18.53 -4.28
C GLY A 80 -37.75 18.64 -2.79
N ALA A 81 -37.21 17.71 -2.00
CA ALA A 81 -37.41 17.74 -0.55
C ALA A 81 -36.53 18.78 0.13
N LEU A 82 -35.46 19.23 -0.51
CA LEU A 82 -34.59 20.21 0.11
C LEU A 82 -35.27 21.57 0.17
N PRO A 83 -35.05 22.34 1.23
CA PRO A 83 -35.51 23.73 1.24
C PRO A 83 -34.89 24.51 0.09
N SER A 84 -35.65 25.49 -0.42
CA SER A 84 -35.20 26.24 -1.58
C SER A 84 -33.99 27.11 -1.27
N SER A 85 -33.86 27.58 -0.03
CA SER A 85 -32.75 28.43 0.35
C SER A 85 -32.34 28.12 1.79
N GLY A 86 -31.21 28.65 2.19
CA GLY A 86 -30.69 28.47 3.53
C GLY A 86 -29.48 27.54 3.55
N TYR A 87 -28.46 27.95 4.30
CA TYR A 87 -27.22 27.18 4.47
C TYR A 87 -26.65 26.88 3.09
N HIS A 88 -26.29 25.62 2.79
CA HIS A 88 -25.76 25.24 1.49
C HIS A 88 -26.80 24.53 0.63
N PHE A 89 -28.08 24.65 0.97
CA PHE A 89 -29.12 23.99 0.19
C PHE A 89 -29.17 24.50 -1.25
N GLY A 90 -28.86 25.78 -1.46
CA GLY A 90 -28.78 26.29 -2.83
C GLY A 90 -27.63 25.67 -3.61
N PHE A 91 -26.49 25.46 -2.95
CA PHE A 91 -25.38 24.78 -3.60
C PHE A 91 -25.73 23.34 -3.93
N VAL A 92 -26.41 22.65 -3.01
CA VAL A 92 -26.78 21.26 -3.26
C VAL A 92 -27.81 21.17 -4.38
N ARG A 93 -28.76 22.11 -4.42
CA ARG A 93 -29.76 22.09 -5.47
C ARG A 93 -29.14 22.35 -6.84
N GLN A 94 -28.32 23.40 -6.94
CA GLN A 94 -27.72 23.74 -8.23
C GLN A 94 -26.71 22.70 -8.66
N ASN A 95 -25.93 22.16 -7.71
CA ASN A 95 -24.86 21.24 -8.04
C ASN A 95 -25.03 19.91 -7.30
N VAL A 96 -26.11 19.19 -7.62
CA VAL A 96 -26.44 17.97 -6.90
C VAL A 96 -25.51 16.83 -7.31
N VAL A 97 -24.99 16.85 -8.54
CA VAL A 97 -24.12 15.77 -8.99
C VAL A 97 -22.84 15.74 -8.18
N PHE A 98 -22.21 16.91 -8.00
CA PHE A 98 -21.00 16.98 -7.19
C PHE A 98 -21.29 16.63 -5.74
N TYR A 99 -22.43 17.06 -5.22
CA TYR A 99 -22.76 16.83 -3.82
C TYR A 99 -22.96 15.35 -3.53
N LEU A 100 -23.65 14.64 -4.41
CA LEU A 100 -23.88 13.21 -4.19
C LEU A 100 -22.61 12.40 -4.44
N LEU A 101 -21.80 12.81 -5.42
CA LEU A 101 -20.53 12.12 -5.66
C LEU A 101 -19.59 12.27 -4.48
N SER A 102 -19.62 13.43 -3.81
CA SER A 102 -18.74 13.66 -2.67
C SER A 102 -19.13 12.85 -1.44
N HIS A 103 -20.29 12.20 -1.45
CA HIS A 103 -20.74 11.42 -0.31
C HIS A 103 -21.18 10.01 -0.67
N ALA A 104 -21.12 9.62 -1.93
CA ALA A 104 -21.48 8.26 -2.33
C ALA A 104 -20.29 7.32 -2.15
N THR A 105 -20.57 6.13 -1.64
CA THR A 105 -19.55 5.11 -1.44
C THR A 105 -19.79 3.93 -2.37
N VAL A 106 -18.69 3.30 -2.82
CA VAL A 106 -18.77 2.20 -3.76
C VAL A 106 -18.00 1.00 -3.21
N GLN A 107 -17.20 1.23 -2.16
CA GLN A 107 -16.37 0.16 -1.63
C GLN A 107 -17.17 -0.99 -1.04
N THR A 108 -18.44 -0.76 -0.68
CA THR A 108 -19.25 -1.82 -0.09
C THR A 108 -20.00 -2.58 -1.17
N ALA A 109 -19.41 -2.66 -2.36
CA ALA A 109 -19.99 -3.38 -3.48
C ALA A 109 -19.01 -4.44 -3.95
N ARG A 110 -19.55 -5.51 -4.57
CA ARG A 110 -18.72 -6.59 -5.05
C ARG A 110 -17.76 -6.12 -6.14
N ASP A 111 -18.20 -5.17 -6.97
CA ASP A 111 -17.33 -4.53 -7.95
C ASP A 111 -17.58 -3.03 -7.88
N PRO A 112 -16.72 -2.28 -7.19
CA PRO A 112 -16.96 -0.83 -7.05
C PRO A 112 -16.91 -0.07 -8.37
N LEU A 113 -16.05 -0.49 -9.31
CA LEU A 113 -15.96 0.21 -10.58
C LEU A 113 -17.25 0.07 -11.38
N TYR A 114 -17.81 -1.14 -11.41
CA TYR A 114 -19.11 -1.34 -12.07
C TYR A 114 -20.22 -0.61 -11.35
N ALA A 115 -20.12 -0.49 -10.01
CA ALA A 115 -21.11 0.27 -9.26
C ALA A 115 -21.01 1.76 -9.58
N ALA A 116 -19.78 2.27 -9.72
CA ALA A 116 -19.61 3.68 -10.06
C ALA A 116 -20.09 3.99 -11.47
N GLU A 117 -19.94 3.03 -12.40
CA GLU A 117 -20.44 3.21 -13.75
C GLU A 117 -21.96 3.35 -13.75
N GLN A 118 -22.64 2.47 -13.00
CA GLN A 118 -24.09 2.58 -12.89
C GLN A 118 -24.50 3.85 -12.17
N LEU A 119 -23.71 4.30 -11.19
CA LEU A 119 -23.96 5.59 -10.57
C LEU A 119 -23.88 6.72 -11.59
N HIS A 120 -22.92 6.64 -12.51
CA HIS A 120 -22.80 7.64 -13.56
C HIS A 120 -24.02 7.63 -14.48
N GLU A 121 -24.56 6.44 -14.77
CA GLU A 121 -25.74 6.34 -15.62
C GLU A 121 -26.94 7.00 -14.97
N GLN A 122 -27.15 6.76 -13.68
CA GLN A 122 -28.28 7.35 -12.98
C GLN A 122 -28.15 8.87 -12.90
N LEU A 123 -26.94 9.36 -12.64
CA LEU A 123 -26.71 10.81 -12.66
C LEU A 123 -26.82 11.36 -14.07
N ASP A 124 -26.55 10.55 -15.09
CA ASP A 124 -26.72 10.99 -16.47
C ASP A 124 -28.19 11.00 -16.87
N ARG A 125 -28.95 9.98 -16.44
CA ARG A 125 -30.39 9.98 -16.69
C ARG A 125 -31.07 11.16 -16.00
N PHE A 126 -30.62 11.51 -14.80
CA PHE A 126 -31.23 12.62 -14.08
C PHE A 126 -31.01 13.94 -14.79
N LEU A 127 -29.81 14.15 -15.33
CA LEU A 127 -29.51 15.43 -15.99
C LEU A 127 -30.26 15.56 -17.31
N ARG A 128 -30.37 14.46 -18.06
CA ARG A 128 -31.06 14.52 -19.34
C ARG A 128 -32.57 14.61 -19.18
N HIS A 129 -33.13 13.91 -18.19
CA HIS A 129 -34.57 13.97 -17.93
C HIS A 129 -34.97 15.20 -17.14
N GLN A 130 -34.07 16.15 -16.95
CA GLN A 130 -34.35 17.39 -16.23
C GLN A 130 -33.33 18.43 -16.65
N HIS A 131 -33.28 18.71 -17.96
CA HIS A 131 -32.36 19.71 -18.49
C HIS A 131 -32.87 21.11 -18.16
N ASP A 132 -31.94 21.98 -17.77
CA ASP A 132 -32.25 23.37 -17.39
C ASP A 132 -33.30 23.43 -16.28
N GLU A 137 -25.89 29.71 -13.38
CA GLU A 137 -24.90 30.51 -12.66
C GLU A 137 -23.51 29.91 -12.82
N ASP A 138 -22.50 30.77 -12.90
CA ASP A 138 -21.13 30.33 -13.13
C ASP A 138 -20.22 30.69 -11.95
N ARG A 139 -20.68 30.40 -10.73
CA ARG A 139 -19.88 30.67 -9.54
C ARG A 139 -18.71 29.71 -9.44
N LEU A 140 -19.00 28.43 -9.21
CA LEU A 140 -17.97 27.41 -9.07
C LEU A 140 -17.95 26.54 -10.33
N PRO A 141 -17.03 26.80 -11.27
CA PRO A 141 -17.08 26.07 -12.54
C PRO A 141 -16.80 24.58 -12.40
N PHE A 142 -15.83 24.20 -11.57
CA PHE A 142 -15.49 22.79 -11.44
C PHE A 142 -16.62 21.99 -10.78
N TYR A 143 -17.44 22.63 -9.95
CA TYR A 143 -18.45 21.93 -9.18
C TYR A 143 -19.82 21.90 -9.86
N HIS A 144 -19.92 22.41 -11.09
CA HIS A 144 -21.18 22.36 -11.81
C HIS A 144 -21.51 20.91 -12.20
N ASN A 145 -22.78 20.68 -12.54
CA ASN A 145 -23.23 19.33 -12.83
C ASN A 145 -22.59 18.79 -14.10
N GLY A 146 -22.54 19.60 -15.16
CA GLY A 146 -21.97 19.14 -16.41
C GLY A 146 -20.48 18.89 -16.31
N ALA A 147 -19.76 19.78 -15.61
CA ALA A 147 -18.32 19.61 -15.48
C ALA A 147 -17.99 18.42 -14.58
N THR A 148 -18.79 18.19 -13.54
CA THR A 148 -18.51 17.10 -12.62
C THR A 148 -18.77 15.74 -13.27
N LEU A 149 -19.88 15.61 -13.98
CA LEU A 149 -20.26 14.31 -14.54
C LEU A 149 -19.29 13.87 -15.63
N THR A 150 -18.91 14.78 -16.53
CA THR A 150 -17.98 14.40 -17.59
C THR A 150 -16.58 14.15 -17.04
N ALA A 151 -16.18 14.88 -16.00
CA ALA A 151 -14.91 14.58 -15.35
C ALA A 151 -14.96 13.23 -14.63
N PHE A 152 -16.13 12.84 -14.13
CA PHE A 152 -16.28 11.56 -13.47
C PHE A 152 -16.18 10.41 -14.47
N GLN A 153 -16.87 10.54 -15.61
CA GLN A 153 -16.77 9.52 -16.66
C GLN A 153 -15.36 9.44 -17.21
N LYS A 154 -14.66 10.58 -17.29
CA LYS A 154 -13.27 10.58 -17.73
C LYS A 154 -12.41 9.72 -16.81
N LEU A 155 -12.65 9.81 -15.49
CA LEU A 155 -11.94 8.97 -14.54
C LEU A 155 -12.33 7.51 -14.71
N LEU A 156 -13.63 7.24 -14.86
CA LEU A 156 -14.09 5.86 -14.97
C LEU A 156 -13.50 5.16 -16.19
N GLN A 157 -13.40 5.88 -17.32
CA GLN A 157 -12.85 5.29 -18.52
C GLN A 157 -11.39 4.92 -18.35
N THR A 158 -10.61 5.80 -17.70
CA THR A 158 -9.21 5.49 -17.44
C THR A 158 -9.08 4.32 -16.47
N LEU A 159 -9.90 4.31 -15.41
CA LEU A 159 -9.82 3.23 -14.43
C LEU A 159 -10.26 1.90 -15.02
N ARG A 160 -11.28 1.92 -15.88
CA ARG A 160 -11.73 0.67 -16.49
C ARG A 160 -10.66 0.11 -17.44
N GLU A 161 -10.01 0.98 -18.20
CA GLU A 161 -8.92 0.53 -19.07
C GLU A 161 -7.74 0.03 -18.25
N ILE A 162 -7.46 0.68 -17.12
CA ILE A 162 -6.39 0.22 -16.23
C ILE A 162 -6.77 -1.11 -15.59
N GLN A 163 -8.02 -1.25 -15.14
CA GLN A 163 -8.46 -2.52 -14.58
C GLN A 163 -8.40 -3.63 -15.63
N THR A 164 -8.67 -3.29 -16.89
CA THR A 164 -8.59 -4.30 -17.96
C THR A 164 -7.15 -4.76 -18.16
N VAL A 165 -6.20 -3.82 -18.18
CA VAL A 165 -4.80 -4.17 -18.42
C VAL A 165 -4.27 -5.07 -17.31
N ILE A 166 -4.57 -4.70 -16.05
CA ILE A 166 -4.08 -5.49 -14.92
C ILE A 166 -4.73 -6.87 -14.91
N ALA A 167 -5.99 -6.97 -15.32
CA ALA A 167 -6.66 -8.26 -15.33
C ALA A 167 -6.08 -9.19 -16.41
N GLU A 168 -5.68 -8.62 -17.55
CA GLU A 168 -5.06 -9.43 -18.59
C GLU A 168 -3.71 -9.98 -18.14
N GLN A 169 -2.95 -9.18 -17.39
CA GLN A 169 -1.63 -9.56 -16.90
C GLN A 169 -1.71 -10.06 -15.46
N SER A 170 -2.59 -11.02 -15.19
CA SER A 170 -2.76 -11.55 -13.85
C SER A 170 -1.56 -12.38 -13.42
N GLN A 202 8.33 3.06 -21.01
CA GLN A 202 8.26 2.10 -22.12
C GLN A 202 7.54 0.79 -21.74
N PRO A 203 7.96 0.11 -20.66
CA PRO A 203 7.27 -1.14 -20.30
C PRO A 203 5.87 -0.86 -19.77
N LEU A 204 5.07 -1.94 -19.73
CA LEU A 204 3.67 -1.79 -19.36
C LEU A 204 3.50 -1.27 -17.93
N VAL A 205 4.41 -1.66 -17.03
CA VAL A 205 4.29 -1.24 -15.64
C VAL A 205 4.41 0.27 -15.52
N ARG A 206 5.40 0.85 -16.18
CA ARG A 206 5.61 2.29 -16.12
C ARG A 206 4.49 3.06 -16.83
N ARG A 207 3.94 2.50 -17.90
CA ARG A 207 2.91 3.20 -18.67
C ARG A 207 1.57 3.21 -17.96
N VAL A 208 1.24 2.16 -17.20
CA VAL A 208 0.00 2.17 -16.44
C VAL A 208 0.13 3.07 -15.22
N ILE A 209 1.32 3.08 -14.60
CA ILE A 209 1.56 3.98 -13.47
C ILE A 209 1.40 5.44 -13.90
N THR A 210 1.94 5.78 -15.07
CA THR A 210 1.82 7.15 -15.56
C THR A 210 0.39 7.50 -15.91
N GLN A 211 -0.35 6.55 -16.49
CA GLN A 211 -1.74 6.82 -16.87
C GLN A 211 -2.61 7.05 -15.63
N LEU A 212 -2.35 6.29 -14.56
CA LEU A 212 -3.13 6.47 -13.34
C LEU A 212 -2.84 7.81 -12.67
N GLU A 213 -1.55 8.19 -12.61
CA GLU A 213 -1.20 9.43 -11.92
C GLU A 213 -1.62 10.65 -12.73
N THR A 214 -1.73 10.53 -14.05
CA THR A 214 -2.31 11.61 -14.84
C THR A 214 -3.80 11.74 -14.58
N ALA A 215 -4.50 10.60 -14.50
CA ALA A 215 -5.93 10.63 -14.18
C ALA A 215 -6.18 11.20 -12.79
N ALA A 216 -5.31 10.86 -11.83
CA ALA A 216 -5.44 11.43 -10.49
C ALA A 216 -5.16 12.92 -10.48
N THR A 217 -4.26 13.38 -11.35
CA THR A 217 -3.96 14.80 -11.41
C THR A 217 -5.10 15.59 -12.05
N GLU A 218 -5.70 15.05 -13.10
CA GLU A 218 -6.83 15.74 -13.74
C GLU A 218 -8.06 15.74 -12.86
N ALA A 219 -8.20 14.74 -11.98
CA ALA A 219 -9.32 14.66 -11.05
C ALA A 219 -9.04 15.38 -9.73
N ARG A 220 -8.03 16.24 -9.69
CA ARG A 220 -7.67 16.96 -8.48
C ARG A 220 -8.83 17.73 -7.84
N PRO A 221 -9.65 18.48 -8.58
CA PRO A 221 -10.77 19.19 -7.91
C PRO A 221 -11.79 18.27 -7.29
N TYR A 222 -11.85 17.01 -7.72
CA TYR A 222 -12.84 16.06 -7.21
C TYR A 222 -12.22 14.99 -6.33
N VAL A 223 -10.92 15.11 -6.00
CA VAL A 223 -10.23 14.05 -5.28
C VAL A 223 -10.79 13.87 -3.87
N ASN A 224 -11.40 14.91 -3.28
CA ASN A 224 -11.99 14.78 -1.95
C ASN A 224 -13.39 14.17 -1.99
N CYS A 225 -13.98 14.00 -3.17
CA CYS A 225 -15.24 13.30 -3.29
C CYS A 225 -15.05 11.84 -2.93
N ARG A 226 -15.91 11.33 -2.04
CA ARG A 226 -15.74 9.97 -1.54
C ARG A 226 -15.78 8.94 -2.66
N ALA A 227 -16.61 9.18 -3.68
CA ALA A 227 -16.73 8.23 -4.78
C ALA A 227 -15.42 8.11 -5.55
N VAL A 228 -14.82 9.24 -5.93
CA VAL A 228 -13.58 9.19 -6.70
C VAL A 228 -12.39 8.91 -5.78
N ALA A 229 -12.47 9.32 -4.51
CA ALA A 229 -11.39 9.01 -3.58
C ALA A 229 -11.31 7.50 -3.32
N GLU A 230 -12.46 6.84 -3.21
CA GLU A 230 -12.46 5.39 -3.02
C GLU A 230 -11.98 4.66 -4.27
N LEU A 231 -12.35 5.18 -5.45
CA LEU A 231 -11.94 4.53 -6.70
C LEU A 231 -10.44 4.68 -6.92
N LEU A 232 -9.91 5.90 -6.71
CA LEU A 232 -8.46 6.08 -6.78
C LEU A 232 -7.76 5.22 -5.73
N ASP A 233 -8.32 5.14 -4.53
CA ASP A 233 -7.76 4.29 -3.49
C ASP A 233 -7.80 2.82 -3.90
N LEU A 234 -8.92 2.39 -4.51
CA LEU A 234 -9.03 1.01 -4.94
C LEU A 234 -8.05 0.70 -6.06
N THR A 235 -7.92 1.60 -7.03
CA THR A 235 -7.04 1.34 -8.17
C THR A 235 -5.57 1.41 -7.77
N TYR A 236 -5.21 2.39 -6.93
CA TYR A 236 -3.82 2.51 -6.50
C TYR A 236 -3.36 1.26 -5.76
N GLN A 237 -4.15 0.80 -4.78
CA GLN A 237 -3.78 -0.40 -4.03
C GLN A 237 -3.74 -1.62 -4.93
N ARG A 238 -4.65 -1.69 -5.91
CA ARG A 238 -4.65 -2.80 -6.85
C ARG A 238 -3.43 -2.76 -7.75
N LEU A 239 -3.07 -1.57 -8.25
CA LEU A 239 -1.89 -1.44 -9.09
C LEU A 239 -0.62 -1.70 -8.29
N ILE A 240 -0.55 -1.20 -7.06
CA ILE A 240 0.63 -1.42 -6.23
C ILE A 240 0.81 -2.90 -5.93
N TYR A 241 -0.28 -3.61 -5.62
CA TYR A 241 -0.18 -5.03 -5.35
C TYR A 241 0.30 -5.79 -6.58
N TRP A 242 -0.20 -5.44 -7.75
CA TRP A 242 0.19 -6.14 -8.98
C TRP A 242 1.65 -5.87 -9.33
N ALA A 243 2.07 -4.61 -9.27
CA ALA A 243 3.44 -4.26 -9.63
C ALA A 243 4.45 -4.87 -8.67
N CYS A 244 4.10 -5.02 -7.40
CA CYS A 244 5.02 -5.58 -6.43
C CYS A 244 5.21 -7.09 -6.60
N THR A 245 4.42 -7.74 -7.45
CA THR A 245 4.63 -9.14 -7.78
C THR A 245 5.57 -9.34 -8.96
N LEU A 246 5.88 -8.28 -9.70
CA LEU A 246 6.67 -8.38 -10.93
C LEU A 246 8.15 -8.27 -10.61
N MET A 247 8.66 -9.30 -9.91
CA MET A 247 10.06 -9.37 -9.50
C MET A 247 10.67 -10.63 -10.10
N PRO A 248 11.06 -10.59 -11.37
CA PRO A 248 11.67 -11.78 -11.98
C PRO A 248 13.11 -11.96 -11.53
N TYR A 249 13.52 -13.22 -11.40
CA TYR A 249 14.84 -13.54 -10.85
C TYR A 249 15.96 -13.00 -11.74
N VAL A 250 15.77 -13.03 -13.05
CA VAL A 250 16.85 -12.67 -13.97
C VAL A 250 17.24 -11.19 -13.86
N LEU A 251 16.36 -10.34 -13.33
CA LEU A 251 16.70 -8.94 -13.13
C LEU A 251 17.63 -8.71 -11.95
N PHE A 252 17.62 -9.62 -10.97
CA PHE A 252 18.42 -9.45 -9.76
C PHE A 252 19.66 -10.34 -9.73
N ARG A 253 19.77 -11.27 -10.67
CA ARG A 253 20.95 -12.13 -10.74
C ARG A 253 22.20 -11.30 -11.06
N ARG A 254 23.24 -11.48 -10.25
CA ARG A 254 24.53 -10.84 -10.50
C ARG A 254 25.52 -11.89 -10.98
N ASP A 255 26.47 -11.45 -11.81
CA ASP A 255 27.52 -12.34 -12.26
C ASP A 255 28.44 -12.77 -11.12
N THR A 256 28.52 -11.97 -10.06
CA THR A 256 29.33 -12.32 -8.90
C THR A 256 28.62 -13.23 -7.92
N ASP A 257 27.38 -13.63 -8.20
CA ASP A 257 26.64 -14.49 -7.29
C ASP A 257 27.33 -15.85 -7.15
N THR A 258 27.50 -16.29 -5.91
CA THR A 258 28.12 -17.56 -5.62
C THR A 258 27.11 -18.70 -5.78
N GLU A 259 27.54 -19.92 -5.45
CA GLU A 259 26.63 -21.06 -5.55
C GLU A 259 25.57 -21.00 -4.46
N LEU A 260 25.94 -20.59 -3.25
CA LEU A 260 24.95 -20.44 -2.18
C LEU A 260 24.04 -19.24 -2.45
N ASP A 261 24.60 -18.15 -2.99
CA ASP A 261 23.78 -17.02 -3.39
C ASP A 261 22.66 -17.45 -4.33
N THR A 262 23.01 -18.20 -5.37
CA THR A 262 22.03 -18.60 -6.37
C THR A 262 20.96 -19.51 -5.77
N VAL A 263 21.36 -20.42 -4.89
CA VAL A 263 20.40 -21.32 -4.26
C VAL A 263 19.39 -20.54 -3.44
N LEU A 264 19.88 -19.60 -2.61
CA LEU A 264 18.98 -18.82 -1.77
C LEU A 264 18.15 -17.86 -2.60
N LEU A 265 18.72 -17.30 -3.67
CA LEU A 265 17.99 -16.38 -4.52
C LEU A 265 16.85 -17.09 -5.25
N MET A 266 17.15 -18.24 -5.88
CA MET A 266 16.12 -18.97 -6.60
C MET A 266 15.00 -19.40 -5.68
N HIS A 267 15.34 -19.91 -4.48
CA HIS A 267 14.31 -20.27 -3.51
C HIS A 267 13.52 -19.05 -3.05
N PHE A 268 14.19 -17.89 -2.95
CA PHE A 268 13.49 -16.67 -2.52
C PHE A 268 12.45 -16.24 -3.54
N PHE A 269 12.83 -16.19 -4.82
CA PHE A 269 11.92 -15.68 -5.84
C PHE A 269 10.85 -16.68 -6.21
N TYR A 270 11.15 -17.97 -6.14
CA TYR A 270 10.13 -18.97 -6.46
C TYR A 270 9.05 -19.04 -5.39
N THR A 271 9.42 -18.80 -4.13
CA THR A 271 8.44 -18.87 -3.05
C THR A 271 7.65 -17.58 -2.90
N HIS A 272 8.26 -16.43 -3.17
CA HIS A 272 7.59 -15.14 -2.98
C HIS A 272 7.08 -14.52 -4.26
N TYR A 273 7.56 -14.96 -5.42
CA TYR A 273 7.16 -14.38 -6.71
C TYR A 273 7.03 -15.48 -7.75
N ARG A 274 6.26 -16.53 -7.43
CA ARG A 274 6.12 -17.66 -8.35
C ARG A 274 5.38 -17.28 -9.63
N SER A 275 4.57 -16.22 -9.60
CA SER A 275 3.81 -15.83 -10.79
C SER A 275 4.74 -15.48 -11.94
N VAL A 276 5.87 -14.84 -11.65
CA VAL A 276 6.79 -14.38 -12.67
C VAL A 276 8.09 -15.19 -12.67
N ASN A 277 8.16 -16.25 -11.87
CA ASN A 277 9.35 -17.09 -11.77
C ASN A 277 8.98 -18.56 -11.92
N GLY A 278 8.08 -18.87 -12.85
CA GLY A 278 7.68 -20.25 -13.08
C GLY A 278 8.78 -21.14 -13.61
N ASP A 279 9.81 -20.56 -14.23
CA ASP A 279 10.92 -21.33 -14.77
C ASP A 279 11.96 -21.70 -13.72
N LEU A 280 11.89 -21.14 -12.51
CA LEU A 280 12.90 -21.41 -11.51
C LEU A 280 12.87 -22.85 -11.03
N ALA A 281 11.73 -23.54 -11.14
CA ALA A 281 11.66 -24.93 -10.71
C ALA A 281 12.60 -25.82 -11.53
N VAL A 282 12.65 -25.59 -12.85
CA VAL A 282 13.55 -26.37 -13.69
C VAL A 282 14.95 -25.77 -13.69
N GLU A 283 15.07 -24.46 -13.48
CA GLU A 283 16.39 -23.85 -13.37
C GLU A 283 17.10 -24.29 -12.09
N PHE A 284 16.36 -24.35 -10.98
CA PHE A 284 16.95 -24.80 -9.72
C PHE A 284 17.37 -26.27 -9.80
N GLN A 285 16.53 -27.11 -10.43
CA GLN A 285 16.87 -28.52 -10.56
C GLN A 285 18.10 -28.71 -11.44
N ASN A 286 18.18 -27.98 -12.55
CA ASN A 286 19.34 -28.09 -13.44
C ASN A 286 20.60 -27.52 -12.79
N TYR A 287 20.46 -26.39 -12.09
CA TYR A 287 21.63 -25.74 -11.50
C TYR A 287 22.19 -26.56 -10.35
N VAL A 288 21.33 -27.13 -9.51
CA VAL A 288 21.80 -27.88 -8.35
C VAL A 288 22.44 -29.19 -8.79
N LYS A 289 21.91 -29.83 -9.83
CA LYS A 289 22.44 -31.12 -10.23
C LYS A 289 23.70 -31.00 -11.10
N ASN A 290 23.77 -29.97 -11.94
CA ASN A 290 24.80 -29.92 -12.97
C ASN A 290 25.78 -28.76 -12.85
N SER A 291 25.59 -27.85 -11.90
CA SER A 291 26.44 -26.67 -11.82
C SER A 291 27.12 -26.48 -10.46
N VAL A 292 26.44 -26.77 -9.36
CA VAL A 292 27.05 -26.57 -8.06
C VAL A 292 28.13 -27.62 -7.85
N ARG A 293 29.22 -27.22 -7.19
CA ARG A 293 30.36 -28.09 -6.95
C ARG A 293 30.91 -28.00 -5.54
N HIS A 294 30.44 -27.06 -4.72
CA HIS A 294 30.94 -26.86 -3.36
C HIS A 294 29.83 -27.04 -2.33
N MET A 295 28.82 -27.86 -2.65
CA MET A 295 27.66 -27.98 -1.76
C MET A 295 28.05 -28.54 -0.41
N SER A 296 28.91 -29.56 -0.38
CA SER A 296 29.34 -30.15 0.88
C SER A 296 30.12 -29.16 1.75
N SER A 297 30.56 -28.03 1.19
CA SER A 297 31.27 -27.03 1.99
C SER A 297 30.31 -26.18 2.81
N PHE A 298 29.28 -25.62 2.17
CA PHE A 298 28.30 -24.80 2.88
C PHE A 298 27.11 -25.60 3.39
N VAL A 299 27.24 -26.92 3.47
CA VAL A 299 26.25 -27.77 4.12
C VAL A 299 26.94 -28.55 5.22
N SER A 300 26.18 -28.94 6.25
CA SER A 300 26.78 -29.43 7.48
C SER A 300 26.27 -30.83 7.85
N SER A 301 25.03 -30.95 8.33
CA SER A 301 24.51 -32.17 8.95
C SER A 301 25.35 -32.56 10.16
N SER A 308 22.90 -26.16 15.09
CA SER A 308 23.48 -24.83 15.14
C SER A 308 22.39 -23.77 15.18
N PRO A 309 22.69 -22.61 15.79
CA PRO A 309 21.70 -21.54 15.88
C PRO A 309 21.25 -21.08 14.50
N GLY A 310 19.95 -20.79 14.38
CA GLY A 310 19.38 -20.31 13.15
C GLY A 310 19.13 -21.37 12.10
N ALA A 311 19.45 -22.64 12.38
CA ALA A 311 19.25 -23.68 11.38
C ALA A 311 17.78 -23.97 11.14
N GLU A 312 16.92 -23.67 12.12
CA GLU A 312 15.49 -23.94 11.97
C GLU A 312 14.86 -23.06 10.90
N HIS A 313 15.46 -21.91 10.59
CA HIS A 313 14.98 -21.03 9.54
C HIS A 313 15.50 -21.42 8.15
N MET A 314 16.39 -22.40 8.07
CA MET A 314 16.97 -22.84 6.81
C MET A 314 16.47 -24.23 6.40
N ARG A 315 15.53 -24.81 7.14
CA ARG A 315 15.15 -26.20 6.93
C ARG A 315 14.44 -26.41 5.60
N ASP A 316 13.60 -25.45 5.20
CA ASP A 316 12.82 -25.62 3.97
C ASP A 316 13.73 -25.57 2.74
N VAL A 317 14.64 -24.59 2.69
CA VAL A 317 15.52 -24.49 1.53
C VAL A 317 16.57 -25.59 1.54
N SER A 318 16.99 -26.06 2.73
CA SER A 318 17.97 -27.12 2.80
C SER A 318 17.42 -28.43 2.26
N TYR A 319 16.14 -28.71 2.52
CA TYR A 319 15.53 -29.92 1.99
C TYR A 319 15.39 -29.87 0.48
N LYS A 320 14.96 -28.73 -0.06
CA LYS A 320 14.79 -28.60 -1.50
C LYS A 320 16.13 -28.62 -2.22
N LEU A 321 17.18 -28.11 -1.58
CA LEU A 321 18.52 -28.24 -2.14
C LEU A 321 18.99 -29.69 -2.11
N PHE A 322 18.76 -30.37 -0.98
CA PHE A 322 19.19 -31.76 -0.84
C PHE A 322 18.44 -32.68 -1.81
N VAL A 323 17.21 -32.34 -2.16
CA VAL A 323 16.46 -33.14 -3.13
C VAL A 323 16.67 -32.63 -4.55
N GLY A 324 16.99 -31.34 -4.71
CA GLY A 324 17.17 -30.79 -6.04
C GLY A 324 15.87 -30.41 -6.71
N ASN A 325 14.84 -30.07 -5.95
CA ASN A 325 13.53 -29.78 -6.49
C ASN A 325 12.86 -28.74 -5.60
N LEU A 326 12.50 -27.59 -6.17
CA LEU A 326 11.80 -26.56 -5.41
C LEU A 326 10.38 -26.96 -5.06
N GLN A 327 9.80 -27.92 -5.76
CA GLN A 327 8.42 -28.32 -5.57
C GLN A 327 8.26 -29.53 -4.65
N ALA A 328 9.34 -29.94 -3.98
CA ALA A 328 9.28 -31.12 -3.12
C ALA A 328 8.63 -30.76 -1.80
N ARG A 329 7.57 -31.49 -1.44
CA ARG A 329 6.95 -31.30 -0.14
C ARG A 329 7.85 -31.86 0.96
N ASP A 330 7.84 -31.19 2.12
CA ASP A 330 8.80 -31.43 3.19
C ASP A 330 8.93 -32.90 3.59
N ALA A 331 9.55 -33.70 2.72
CA ALA A 331 10.00 -35.05 3.03
C ALA A 331 8.88 -36.00 3.42
N SER A 332 9.26 -37.24 3.73
CA SER A 332 8.37 -38.26 4.28
C SER A 332 8.97 -38.82 5.56
N GLY A 333 9.48 -37.94 6.41
CA GLY A 333 10.24 -38.37 7.57
C GLY A 333 11.70 -38.64 7.28
N LEU A 334 12.33 -37.78 6.49
CA LEU A 334 13.70 -37.98 6.02
C LEU A 334 14.62 -36.94 6.64
N MET A 335 15.82 -37.37 7.00
CA MET A 335 16.85 -36.49 7.53
C MET A 335 17.76 -36.02 6.40
N PHE A 336 18.20 -34.76 6.51
CA PHE A 336 18.96 -34.13 5.43
C PHE A 336 19.88 -33.08 6.03
N PRO A 337 20.98 -32.76 5.37
CA PRO A 337 21.88 -31.70 5.88
C PRO A 337 21.27 -30.31 5.70
N ILE A 338 21.60 -29.42 6.64
CA ILE A 338 21.08 -28.06 6.66
C ILE A 338 22.16 -27.11 6.14
N ILE A 339 21.73 -26.12 5.35
CA ILE A 339 22.64 -25.06 4.92
C ILE A 339 23.27 -24.41 6.14
N SER A 340 24.59 -24.24 6.11
CA SER A 340 25.33 -23.85 7.30
C SER A 340 25.02 -22.41 7.70
N THR A 341 24.85 -22.20 9.01
CA THR A 341 24.74 -20.87 9.58
C THR A 341 26.01 -20.46 10.32
N ARG A 342 27.10 -21.20 10.14
CA ARG A 342 28.37 -20.86 10.76
C ARG A 342 28.97 -19.63 10.08
N ILE A 343 29.44 -18.67 10.88
CA ILE A 343 29.82 -17.36 10.37
C ILE A 343 30.98 -17.49 9.38
N SER A 344 31.99 -18.27 9.73
CA SER A 344 33.15 -18.41 8.83
C SER A 344 32.77 -19.11 7.53
N THR A 345 31.82 -20.05 7.59
CA THR A 345 31.36 -20.69 6.36
C THR A 345 30.56 -19.72 5.51
N VAL A 346 29.69 -18.91 6.13
CA VAL A 346 28.91 -17.95 5.39
C VAL A 346 29.80 -16.83 4.84
N ASN A 347 30.88 -16.49 5.56
CA ASN A 347 31.79 -15.46 5.08
C ASN A 347 32.46 -15.88 3.77
N LEU A 348 32.64 -17.18 3.56
CA LEU A 348 33.33 -17.69 2.38
C LEU A 348 32.40 -17.88 1.18
N TYR A 349 31.22 -18.44 1.39
CA TYR A 349 30.37 -18.89 0.29
C TYR A 349 29.15 -18.01 0.07
N LEU A 350 28.92 -16.99 0.89
CA LEU A 350 27.82 -16.06 0.70
C LEU A 350 28.38 -14.66 0.51
N SER A 351 27.86 -13.96 -0.49
CA SER A 351 28.21 -12.56 -0.65
C SER A 351 27.58 -11.74 0.48
N PRO A 352 28.30 -10.79 1.06
CA PRO A 352 27.73 -10.00 2.15
C PRO A 352 26.47 -9.25 1.75
N GLU A 353 26.34 -8.86 0.48
CA GLU A 353 25.17 -8.15 0.01
C GLU A 353 23.93 -9.03 -0.04
N ARG A 354 24.07 -10.35 0.08
CA ARG A 354 22.94 -11.27 0.10
C ARG A 354 22.63 -11.77 1.51
N MET A 355 23.07 -11.03 2.53
CA MET A 355 22.96 -11.51 3.90
C MET A 355 21.49 -11.72 4.31
N PHE A 356 20.60 -10.85 3.83
CA PHE A 356 19.19 -10.96 4.21
C PHE A 356 18.45 -12.04 3.46
N PHE A 357 19.07 -12.67 2.47
CA PHE A 357 18.53 -13.90 1.89
C PHE A 357 18.86 -15.13 2.72
N HIS A 358 19.63 -14.97 3.80
CA HIS A 358 20.04 -16.05 4.69
C HIS A 358 19.37 -15.82 6.05
N PRO A 359 18.14 -16.30 6.25
CA PRO A 359 17.46 -16.03 7.53
C PRO A 359 18.18 -16.60 8.73
N GLY A 360 18.87 -17.73 8.58
CA GLY A 360 19.62 -18.28 9.70
C GLY A 360 20.74 -17.37 10.15
N LEU A 361 21.38 -16.68 9.21
CA LEU A 361 22.42 -15.72 9.56
C LEU A 361 21.84 -14.54 10.33
N ILE A 362 20.75 -13.96 9.80
CA ILE A 362 20.11 -12.83 10.47
C ILE A 362 19.61 -13.25 11.86
N SER A 363 19.15 -14.50 11.98
CA SER A 363 18.72 -15.01 13.28
C SER A 363 19.85 -14.98 14.29
N ARG A 364 21.05 -15.43 13.90
CA ARG A 364 22.18 -15.44 14.82
C ARG A 364 22.61 -14.02 15.20
N LEU A 365 22.55 -13.09 14.25
CA LEU A 365 22.96 -11.72 14.55
C LEU A 365 21.96 -11.03 15.48
N LEU A 366 20.66 -11.27 15.27
CA LEU A 366 19.66 -10.65 16.13
C LEU A 366 19.71 -11.22 17.55
N SER A 367 19.94 -12.53 17.68
CA SER A 367 19.99 -13.16 18.99
C SER A 367 21.37 -13.06 19.64
N GLU A 368 22.38 -12.59 18.90
CA GLU A 368 23.75 -12.45 19.38
C GLU A 368 24.36 -13.77 19.83
N GLU A 369 23.77 -14.90 19.43
CA GLU A 369 24.34 -16.22 19.75
C GLU A 369 25.52 -16.45 18.82
N VAL A 370 26.66 -15.88 19.21
CA VAL A 370 27.85 -15.89 18.38
C VAL A 370 29.07 -15.87 19.30
N SER A 371 30.18 -16.39 18.80
CA SER A 371 31.40 -16.46 19.60
C SER A 371 32.26 -15.23 19.39
N PRO A 372 33.21 -14.97 20.29
CA PRO A 372 34.03 -13.75 20.16
C PRO A 372 34.91 -13.71 18.91
N ARG A 373 35.15 -14.85 18.26
CA ARG A 373 36.07 -14.88 17.12
C ARG A 373 35.36 -14.98 15.77
N ALA A 374 34.03 -14.88 15.76
CA ALA A 374 33.31 -14.80 14.50
C ALA A 374 33.50 -13.42 13.89
N ASN A 375 33.88 -13.38 12.62
CA ASN A 375 34.13 -12.12 11.92
C ASN A 375 32.82 -11.63 11.32
N LEU A 376 32.34 -10.48 11.82
CA LEU A 376 31.06 -9.91 11.40
C LEU A 376 31.22 -8.59 10.66
N ASP A 377 32.44 -8.20 10.32
CA ASP A 377 32.67 -6.87 9.73
C ASP A 377 31.98 -6.74 8.39
N ALA A 378 31.92 -7.82 7.61
CA ALA A 378 31.30 -7.76 6.29
C ALA A 378 29.82 -7.43 6.39
N TYR A 379 29.13 -7.98 7.41
CA TYR A 379 27.71 -7.73 7.56
C TYR A 379 27.43 -6.38 8.22
N ALA A 380 28.32 -5.93 9.11
CA ALA A 380 28.20 -4.59 9.64
C ALA A 380 28.40 -3.55 8.55
N ARG A 381 29.31 -3.83 7.61
CA ARG A 381 29.54 -2.92 6.50
C ARG A 381 28.31 -2.80 5.61
N VAL A 382 27.61 -3.92 5.38
CA VAL A 382 26.41 -3.90 4.56
C VAL A 382 25.29 -3.12 5.27
N CYS A 383 25.16 -3.31 6.59
CA CYS A 383 24.13 -2.60 7.33
C CYS A 383 24.35 -1.09 7.28
N ASP A 384 25.61 -0.65 7.38
CA ASP A 384 25.91 0.77 7.29
C ASP A 384 25.55 1.32 5.91
N ARG A 385 25.84 0.55 4.86
CA ARG A 385 25.49 0.98 3.51
C ARG A 385 23.98 1.14 3.37
N VAL A 386 23.20 0.22 3.95
CA VAL A 386 21.75 0.32 3.87
C VAL A 386 21.25 1.51 4.67
N LEU A 387 21.82 1.73 5.87
CA LEU A 387 21.40 2.85 6.71
C LEU A 387 21.64 4.18 6.01
N GLU A 388 22.76 4.31 5.29
CA GLU A 388 23.10 5.57 4.64
C GLU A 388 22.35 5.78 3.33
N ASP A 389 21.90 4.70 2.68
CA ASP A 389 21.28 4.81 1.36
C ASP A 389 19.77 4.99 1.41
N HIS A 390 19.10 4.38 2.39
CA HIS A 390 17.64 4.34 2.39
C HIS A 390 16.98 4.96 3.61
N LEU A 391 17.70 5.16 4.72
CA LEU A 391 17.05 5.56 5.97
C LEU A 391 17.26 7.05 6.25
N HIS A 392 16.67 7.87 5.39
CA HIS A 392 16.48 9.28 5.71
C HIS A 392 15.29 9.80 4.90
N THR A 393 14.66 10.85 5.43
CA THR A 393 13.48 11.41 4.79
C THR A 393 13.89 12.23 3.57
N PRO A 394 13.43 11.89 2.37
CA PRO A 394 13.83 12.67 1.19
C PRO A 394 13.21 14.07 1.21
N ARG A 395 13.89 14.99 0.52
CA ARG A 395 13.41 16.36 0.45
C ARG A 395 12.22 16.50 -0.48
N ARG A 396 12.26 15.84 -1.64
CA ARG A 396 11.20 15.94 -2.62
C ARG A 396 10.09 14.92 -2.33
N VAL A 397 8.95 15.13 -2.96
CA VAL A 397 7.80 14.26 -2.78
C VAL A 397 8.00 13.01 -3.62
N GLN A 398 7.66 11.85 -3.04
CA GLN A 398 7.86 10.55 -3.67
C GLN A 398 6.55 10.07 -4.25
N ARG A 399 6.46 10.03 -5.58
CA ARG A 399 5.23 9.66 -6.25
C ARG A 399 5.23 8.15 -6.52
N LEU A 400 4.22 7.67 -7.25
CA LEU A 400 4.03 6.23 -7.39
C LEU A 400 5.21 5.56 -8.09
N LEU A 401 5.78 6.22 -9.10
CA LEU A 401 6.91 5.64 -9.80
C LEU A 401 8.15 5.58 -8.90
N ASP A 402 8.26 6.49 -7.95
CA ASP A 402 9.38 6.45 -7.01
C ASP A 402 9.22 5.31 -6.01
N LEU A 403 7.99 5.08 -5.53
CA LEU A 403 7.75 4.01 -4.58
C LEU A 403 7.97 2.64 -5.21
N THR A 404 7.63 2.48 -6.50
CA THR A 404 7.88 1.21 -7.17
C THR A 404 9.37 0.92 -7.28
N GLN A 405 10.17 1.95 -7.55
CA GLN A 405 11.61 1.76 -7.64
C GLN A 405 12.20 1.37 -6.29
N MET A 406 11.71 1.98 -5.20
CA MET A 406 12.24 1.65 -3.88
C MET A 406 11.95 0.19 -3.52
N VAL A 407 10.78 -0.31 -3.89
CA VAL A 407 10.46 -1.72 -3.66
C VAL A 407 11.48 -2.61 -4.35
N MET A 408 11.78 -2.33 -5.62
CA MET A 408 12.77 -3.13 -6.35
C MET A 408 14.15 -3.00 -5.72
N ARG A 409 14.48 -1.82 -5.19
CA ARG A 409 15.73 -1.66 -4.47
C ARG A 409 15.74 -2.50 -3.20
N LEU A 410 14.61 -2.53 -2.48
CA LEU A 410 14.53 -3.33 -1.26
C LEU A 410 14.47 -4.82 -1.56
N VAL A 411 13.74 -5.20 -2.62
CA VAL A 411 13.70 -6.61 -3.02
C VAL A 411 15.10 -7.09 -3.39
N GLU A 412 15.90 -6.22 -4.00
CA GLU A 412 17.28 -6.57 -4.34
C GLU A 412 18.07 -6.97 -3.09
N LEU A 413 17.75 -6.38 -1.95
CA LEU A 413 18.38 -6.73 -0.69
C LEU A 413 17.68 -7.87 0.04
N GLY A 414 16.58 -8.37 -0.50
CA GLY A 414 15.82 -9.42 0.14
C GLY A 414 14.70 -8.94 1.06
N PHE A 415 14.29 -7.69 0.94
CA PHE A 415 13.24 -7.12 1.78
C PHE A 415 11.98 -6.96 0.95
N ASN A 416 10.93 -7.69 1.33
CA ASN A 416 9.59 -7.39 0.84
C ASN A 416 8.65 -7.28 2.04
N HIS A 417 7.34 -7.20 1.78
CA HIS A 417 6.39 -7.08 2.89
C HIS A 417 6.43 -8.30 3.80
N ASP A 418 6.59 -9.49 3.23
CA ASP A 418 6.55 -10.71 4.03
C ASP A 418 7.83 -10.89 4.84
N THR A 419 8.99 -10.70 4.21
CA THR A 419 10.24 -10.92 4.91
C THR A 419 10.51 -9.84 5.96
N CYS A 420 10.00 -8.63 5.73
CA CYS A 420 10.14 -7.59 6.75
C CYS A 420 9.33 -7.92 7.99
N ALA A 421 8.13 -8.48 7.80
CA ALA A 421 7.30 -8.87 8.95
C ALA A 421 7.96 -9.99 9.73
N ALA A 422 8.46 -11.02 9.03
CA ALA A 422 9.12 -12.13 9.70
C ALA A 422 10.37 -11.66 10.45
N TYR A 423 11.17 -10.81 9.82
CA TYR A 423 12.36 -10.29 10.47
C TYR A 423 12.00 -9.37 11.64
N ALA A 424 10.92 -8.60 11.51
CA ALA A 424 10.48 -7.76 12.61
C ALA A 424 10.02 -8.59 13.79
N GLN A 425 9.36 -9.73 13.51
CA GLN A 425 8.98 -10.64 14.58
C GLN A 425 10.19 -11.37 15.15
N MET A 426 11.12 -11.78 14.28
CA MET A 426 12.34 -12.44 14.72
C MET A 426 13.17 -11.54 15.65
N ALA A 427 13.11 -10.24 15.44
CA ALA A 427 13.91 -9.31 16.23
C ALA A 427 13.36 -9.10 17.63
N LEU A 428 12.08 -9.41 17.86
CA LEU A 428 11.49 -9.22 19.19
C LEU A 428 12.10 -10.16 20.22
N ILE A 429 12.57 -11.33 19.79
CA ILE A 429 13.18 -12.28 20.72
C ILE A 429 14.41 -11.64 21.34
N GLN A 430 14.38 -11.47 22.66
CA GLN A 430 15.49 -10.84 23.35
C GLN A 430 16.72 -11.76 23.35
N PRO A 431 17.93 -11.21 23.21
CA PRO A 431 19.19 -11.97 23.23
C PRO A 431 19.38 -12.75 24.53
N SER A 436 26.70 -9.26 26.51
CA SER A 436 27.80 -9.82 25.73
C SER A 436 28.70 -8.70 25.19
N SER A 437 29.45 -9.02 24.13
CA SER A 437 30.34 -8.04 23.52
C SER A 437 29.55 -6.90 22.90
N LEU A 438 30.15 -5.71 22.89
CA LEU A 438 29.47 -4.53 22.36
C LEU A 438 29.40 -4.56 20.84
N PHE A 439 30.42 -5.11 20.17
CA PHE A 439 30.45 -5.08 18.72
C PHE A 439 29.38 -5.98 18.11
N VAL A 440 29.00 -7.06 18.80
CA VAL A 440 27.88 -7.87 18.33
C VAL A 440 26.56 -7.16 18.64
N SER A 441 26.49 -6.47 19.78
CA SER A 441 25.27 -5.78 20.16
C SER A 441 24.96 -4.63 19.21
N GLU A 442 25.99 -4.03 18.61
CA GLU A 442 25.76 -2.90 17.72
C GLU A 442 25.14 -3.33 16.40
N ILE A 443 25.47 -4.53 15.93
CA ILE A 443 24.90 -5.03 14.68
C ILE A 443 23.42 -5.31 14.85
N ARG A 444 23.03 -5.89 15.99
CA ARG A 444 21.62 -6.09 16.29
C ARG A 444 20.86 -4.77 16.26
N GLU A 445 21.45 -3.72 16.83
CA GLU A 445 20.81 -2.41 16.83
C GLU A 445 20.68 -1.87 15.40
N LYS A 446 21.68 -2.11 14.56
CA LYS A 446 21.59 -1.68 13.17
C LYS A 446 20.52 -2.46 12.42
N LEU A 447 20.44 -3.78 12.66
CA LEU A 447 19.44 -4.59 12.00
C LEU A 447 18.03 -4.18 12.40
N ILE A 448 17.82 -3.91 13.70
CA ILE A 448 16.50 -3.52 14.17
C ILE A 448 16.06 -2.22 13.51
N GLN A 449 16.96 -1.25 13.40
CA GLN A 449 16.63 0.00 12.72
C GLN A 449 16.28 -0.24 11.26
N ILE A 450 17.06 -1.08 10.58
CA ILE A 450 16.79 -1.37 9.18
C ILE A 450 15.48 -2.12 9.03
N ILE A 451 15.29 -3.18 9.81
CA ILE A 451 14.13 -4.05 9.65
C ILE A 451 12.84 -3.29 9.94
N TYR A 452 12.82 -2.54 11.04
CA TYR A 452 11.59 -1.85 11.43
C TYR A 452 11.30 -0.61 10.60
N ASN A 453 12.31 0.00 9.99
CA ASN A 453 12.04 1.12 9.09
C ASN A 453 11.47 0.63 7.76
N PHE A 454 11.97 -0.50 7.27
CA PHE A 454 11.42 -1.07 6.03
C PHE A 454 10.09 -1.76 6.28
N TYR A 455 9.87 -2.28 7.49
CA TYR A 455 8.57 -2.84 7.83
C TYR A 455 7.49 -1.76 7.78
N THR A 456 7.77 -0.59 8.36
CA THR A 456 6.83 0.52 8.32
C THR A 456 6.58 0.98 6.89
N PHE A 457 7.60 0.93 6.03
CA PHE A 457 7.44 1.37 4.66
C PHE A 457 6.45 0.49 3.90
N PHE A 458 6.59 -0.84 4.05
CA PHE A 458 5.70 -1.75 3.33
C PHE A 458 4.28 -1.72 3.87
N MET A 459 4.09 -1.34 5.15
CA MET A 459 2.73 -1.24 5.68
C MET A 459 2.01 -0.02 5.11
N CYS A 460 2.72 1.11 4.99
CA CYS A 460 2.11 2.29 4.38
C CYS A 460 1.95 2.12 2.87
N LEU A 461 2.87 1.40 2.23
CA LEU A 461 2.84 1.27 0.78
C LEU A 461 1.61 0.49 0.31
N TYR A 462 1.28 -0.61 0.98
CA TYR A 462 0.17 -1.45 0.55
C TYR A 462 -1.20 -0.82 0.84
N VAL A 463 -1.25 0.37 1.44
CA VAL A 463 -2.50 1.07 1.67
C VAL A 463 -2.39 2.50 1.14
N TYR A 464 -1.43 2.73 0.24
CA TYR A 464 -1.14 4.07 -0.24
C TYR A 464 -2.08 4.48 -1.37
N SER A 465 -2.49 5.74 -1.35
CA SER A 465 -3.22 6.41 -2.42
C SER A 465 -3.19 7.91 -2.15
N PRO A 466 -3.11 8.76 -3.17
CA PRO A 466 -3.07 10.20 -2.91
C PRO A 466 -4.43 10.77 -2.50
N THR A 467 -5.04 10.18 -1.48
CA THR A 467 -6.36 10.59 -1.01
C THR A 467 -6.35 10.72 0.52
N PHE A 468 -7.43 11.28 1.05
CA PHE A 468 -7.56 11.38 2.50
C PHE A 468 -7.69 10.01 3.16
N LEU A 469 -8.13 9.00 2.41
CA LEU A 469 -8.25 7.66 2.97
C LEU A 469 -6.91 7.12 3.42
N PHE A 470 -5.86 7.34 2.62
CA PHE A 470 -4.53 6.88 3.01
C PHE A 470 -3.94 7.76 4.11
N ASP A 471 -4.22 9.07 4.06
CA ASP A 471 -3.70 9.97 5.09
C ASP A 471 -4.14 9.52 6.49
N HIS A 472 -5.40 9.13 6.63
CA HIS A 472 -5.88 8.63 7.91
C HIS A 472 -5.18 7.34 8.29
N ARG A 473 -5.11 6.39 7.35
CA ARG A 473 -4.45 5.12 7.62
C ARG A 473 -2.96 5.30 7.88
N ARG A 474 -2.35 6.32 7.27
CA ARG A 474 -0.92 6.57 7.51
C ARG A 474 -0.69 7.05 8.93
N ARG A 475 -1.59 7.87 9.46
CA ARG A 475 -1.42 8.38 10.83
C ARG A 475 -1.59 7.27 11.85
N LEU A 476 -2.49 6.32 11.59
CA LEU A 476 -2.68 5.20 12.52
C LEU A 476 -1.44 4.31 12.58
N ILE A 477 -0.71 4.22 11.47
CA ILE A 477 0.46 3.33 11.43
C ILE A 477 1.69 4.01 12.04
N LEU A 478 1.83 5.33 11.83
CA LEU A 478 3.02 6.02 12.33
C LEU A 478 2.85 6.44 13.79
N GLU A 479 1.71 7.05 14.12
CA GLU A 479 1.54 7.60 15.47
C GLU A 479 1.28 6.52 16.49
N GLN A 480 0.52 5.48 16.14
CA GLN A 480 0.21 4.40 17.06
C GLN A 480 1.12 3.19 16.90
N HIS A 481 2.00 3.18 15.89
CA HIS A 481 2.89 2.06 15.62
C HIS A 481 2.13 0.75 15.48
N ARG A 482 0.99 0.80 14.79
CA ARG A 482 0.19 -0.38 14.57
C ARG A 482 0.90 -1.36 13.65
N SER A 483 0.86 -2.63 14.00
CA SER A 483 1.51 -3.68 13.23
C SER A 483 0.85 -5.01 13.55
N THR A 484 1.49 -6.10 13.14
CA THR A 484 1.00 -7.45 13.40
C THR A 484 1.99 -8.25 14.25
N LEU A 485 2.81 -7.57 15.06
CA LEU A 485 3.83 -8.24 15.84
C LEU A 485 3.22 -8.97 17.03
N ILE A 486 3.92 -9.99 17.50
CA ILE A 486 3.46 -10.86 18.59
C ILE A 486 4.27 -10.54 19.83
N GLY A 487 3.57 -10.28 20.93
CA GLY A 487 4.22 -10.03 22.20
C GLY A 487 3.39 -9.13 23.08
N SER A 488 3.80 -9.05 24.35
CA SER A 488 3.13 -8.19 25.30
C SER A 488 3.37 -6.73 24.95
N LYS A 489 2.52 -5.86 25.49
CA LYS A 489 2.65 -4.42 25.23
C LYS A 489 3.99 -3.88 25.74
N GLU A 490 4.58 -4.54 26.73
CA GLU A 490 5.86 -4.08 27.27
C GLU A 490 6.99 -4.27 26.26
N GLU A 491 7.13 -5.50 25.73
CA GLU A 491 8.18 -5.74 24.75
C GLU A 491 7.87 -5.14 23.39
N LEU A 492 6.59 -4.89 23.10
CA LEU A 492 6.25 -4.20 21.86
C LEU A 492 6.68 -2.74 21.91
N GLN A 493 6.33 -2.03 22.97
CA GLN A 493 6.78 -0.66 23.13
C GLN A 493 8.28 -0.57 23.37
N HIS A 494 8.90 -1.66 23.84
CA HIS A 494 10.34 -1.63 24.08
C HIS A 494 11.11 -1.62 22.77
N VAL A 495 10.68 -2.43 21.79
CA VAL A 495 11.40 -2.48 20.52
C VAL A 495 11.16 -1.20 19.72
N TRP A 496 9.98 -0.60 19.84
CA TRP A 496 9.71 0.64 19.12
C TRP A 496 10.43 1.82 19.75
N SER A 497 10.77 1.75 21.04
CA SER A 497 11.54 2.81 21.67
C SER A 497 12.97 2.83 21.17
N ASN A 498 13.51 1.68 20.79
CA ASN A 498 14.85 1.57 20.23
C ASN A 498 14.87 1.76 18.71
N VAL A 499 13.81 2.35 18.14
CA VAL A 499 13.70 2.57 16.71
C VAL A 499 13.41 4.04 16.47
N THR A 500 14.22 4.67 15.62
CA THR A 500 14.01 6.06 15.20
C THR A 500 13.54 6.04 13.75
N LEU A 501 12.26 6.35 13.55
CA LEU A 501 11.65 6.26 12.22
C LEU A 501 12.11 7.45 11.37
N ASN A 502 13.09 7.20 10.50
CA ASN A 502 13.50 8.16 9.48
C ASN A 502 13.27 7.63 8.08
N VAL A 503 12.47 6.57 7.94
CA VAL A 503 12.25 5.95 6.64
C VAL A 503 11.38 6.87 5.78
N ASN A 504 11.51 6.69 4.46
CA ASN A 504 10.76 7.48 3.49
C ASN A 504 9.26 7.24 3.63
N THR A 505 8.59 8.14 4.34
CA THR A 505 7.13 8.18 4.38
C THR A 505 6.59 9.43 3.69
N HIS A 506 7.41 10.06 2.84
CA HIS A 506 7.04 11.28 2.13
C HIS A 506 6.23 10.94 0.88
N PHE A 507 5.13 10.23 1.09
CA PHE A 507 4.29 9.77 0.00
C PHE A 507 3.43 10.92 -0.53
N ALA A 508 3.18 10.90 -1.84
CA ALA A 508 2.44 11.97 -2.51
C ALA A 508 0.98 11.91 -2.10
N VAL A 509 0.57 12.81 -1.21
CA VAL A 509 -0.83 12.93 -0.80
C VAL A 509 -1.02 14.31 -0.17
N GLN A 510 -1.41 15.28 -1.00
CA GLN A 510 -1.50 16.66 -0.54
C GLN A 510 -2.64 17.37 -1.25
N TYR A 511 -3.56 17.94 -0.48
CA TYR A 511 -4.58 18.86 -0.98
C TYR A 511 -4.48 20.12 -0.13
N THR A 512 -3.92 21.19 -0.69
CA THR A 512 -3.55 22.38 0.05
C THR A 512 -4.55 23.50 -0.21
N GLU A 513 -4.29 24.66 0.42
CA GLU A 513 -5.16 25.82 0.23
C GLU A 513 -5.12 26.32 -1.20
N GLU A 514 -3.97 26.19 -1.87
CA GLU A 514 -3.89 26.60 -3.27
C GLU A 514 -4.80 25.75 -4.15
N ASP A 515 -4.88 24.45 -3.87
CA ASP A 515 -5.83 23.59 -4.56
C ASP A 515 -7.26 23.96 -4.18
N PHE A 516 -7.50 24.16 -2.88
CA PHE A 516 -8.84 24.45 -2.39
C PHE A 516 -9.35 25.78 -2.94
N GLU A 517 -8.60 26.86 -2.73
CA GLU A 517 -9.05 28.18 -3.15
C GLU A 517 -9.16 28.32 -4.66
N ALA A 518 -8.49 27.45 -5.42
CA ALA A 518 -8.63 27.48 -6.87
C ALA A 518 -9.97 26.92 -7.32
N HIS A 519 -10.52 25.97 -6.57
CA HIS A 519 -11.79 25.34 -6.92
C HIS A 519 -12.98 26.01 -6.25
N THR A 520 -12.74 26.85 -5.24
CA THR A 520 -13.81 27.57 -4.56
C THR A 520 -13.75 29.06 -4.91
N LYS A 521 -13.87 29.38 -6.20
CA LYS A 521 -13.74 30.76 -6.64
C LYS A 521 -14.92 31.60 -6.20
N GLY A 522 -16.12 31.25 -6.65
CA GLY A 522 -17.31 32.01 -6.32
C GLY A 522 -18.11 31.42 -5.18
N ALA A 523 -17.42 30.83 -4.21
CA ALA A 523 -18.08 30.20 -3.08
C ALA A 523 -18.52 31.25 -2.07
N THR A 524 -19.80 31.24 -1.73
CA THR A 524 -20.32 32.13 -0.70
C THR A 524 -19.88 31.65 0.69
N GLU A 525 -20.09 32.50 1.69
CA GLU A 525 -19.65 32.16 3.04
C GLU A 525 -20.39 30.96 3.60
N ALA A 526 -21.66 30.79 3.22
CA ALA A 526 -22.40 29.61 3.66
C ALA A 526 -21.94 28.36 2.92
N GLU A 527 -21.60 28.50 1.64
CA GLU A 527 -21.05 27.37 0.89
C GLU A 527 -19.66 27.01 1.38
N ARG A 528 -18.86 28.03 1.74
CA ARG A 528 -17.50 27.76 2.20
C ARG A 528 -17.50 27.02 3.53
N GLU A 529 -18.46 27.32 4.40
CA GLU A 529 -18.55 26.63 5.69
C GLU A 529 -18.86 25.15 5.49
N TYR A 530 -19.70 24.83 4.50
CA TYR A 530 -19.97 23.41 4.22
C TYR A 530 -18.76 22.72 3.64
N LEU A 531 -18.04 23.37 2.72
CA LEU A 531 -16.88 22.76 2.11
C LEU A 531 -15.76 22.54 3.12
N TYR A 532 -15.51 23.54 3.98
CA TYR A 532 -14.53 23.37 5.04
C TYR A 532 -14.93 22.24 5.98
N ARG A 533 -16.22 22.14 6.30
CA ARG A 533 -16.69 21.10 7.22
C ARG A 533 -16.52 19.72 6.59
N ASP A 534 -16.78 19.59 5.29
CA ASP A 534 -16.62 18.31 4.63
C ASP A 534 -15.15 17.91 4.54
N LEU A 535 -14.26 18.89 4.32
CA LEU A 535 -12.83 18.58 4.24
C LEU A 535 -12.27 18.21 5.61
N HIS A 536 -12.79 18.84 6.68
CA HIS A 536 -12.31 18.52 8.02
C HIS A 536 -12.72 17.12 8.44
N SER A 537 -13.93 16.70 8.07
CA SER A 537 -14.38 15.35 8.43
C SER A 537 -13.62 14.26 7.67
N LYS A 538 -12.93 14.64 6.59
CA LYS A 538 -12.17 13.67 5.80
C LYS A 538 -10.66 13.74 6.03
N TRP A 539 -10.12 14.93 6.30
CA TRP A 539 -8.70 15.10 6.53
C TRP A 539 -8.32 15.32 7.99
N GLY A 540 -9.20 15.92 8.79
CA GLY A 540 -8.89 16.21 10.17
C GLY A 540 -8.20 17.54 10.35
N VAL A 541 -6.89 17.58 10.11
CA VAL A 541 -6.08 18.78 10.29
C VAL A 541 -5.44 19.16 8.96
N HIS A 542 -5.38 20.46 8.70
CA HIS A 542 -4.73 20.99 7.51
C HIS A 542 -4.41 22.47 7.69
O1 TEW B . 34.03 -21.44 18.09
O2 TEW B . 34.42 -22.27 15.69
O3 TEW B . 34.03 -23.98 17.97
O4 TEW B . 36.52 -21.40 16.76
O5 TEW B . 36.35 -24.24 16.64
O6 TEW B . 36.39 -22.88 19.03
O7 TEW B . 31.92 -22.40 16.91
O8 TEW B . 33.38 -22.97 20.50
O9 TEW B . 31.56 -24.40 18.98
O10 TEW B . 31.39 -21.60 19.23
O11 TEW B . 32.29 -20.71 14.74
O12 TEW B . 31.82 -19.79 17.09
O13 TEW B . 34.41 -19.66 15.82
O14 TEW B . 34.85 -20.56 13.49
O15 TEW B . 36.93 -22.26 14.14
O16 TEW B . 37.18 -19.64 14.81
O17 TEW B . 29.75 -20.79 15.93
O18 TEW B . 29.28 -19.92 18.56
O19 TEW B . 29.16 -22.57 17.84
O20 TEW B . 32.24 -18.18 14.79
O21 TEW B . 29.83 -17.95 15.98
O22 TEW B . 30.00 -19.37 13.62
O23 TEW B . 32.73 -19.27 12.29
O31 TEW B . 34.67 -17.77 13.56
TE1 TEW B . 33.17 -21.00 16.43
W1 TEW B . 35.62 -22.94 17.51
W2 TEW B . 32.62 -23.06 18.94
W3 TEW B . 36.08 -20.97 14.90
W4 TEW B . 30.18 -21.18 17.79
W5 TEW B . 30.66 -19.25 15.19
W6 TEW B . 33.61 -19.10 13.78
#